data_7ROM
#
_entry.id   7ROM
#
_cell.length_a   72.225
_cell.length_b   72.225
_cell.length_c   114.669
_cell.angle_alpha   90.000
_cell.angle_beta   90.000
_cell.angle_gamma   90.000
#
_symmetry.space_group_name_H-M   'P 43 21 2'
#
loop_
_entity.id
_entity.type
_entity.pdbx_description
1 polymer 'NADH-cytochrome b5 reductase 1'
2 non-polymer 'FLAVIN-ADENINE DINUCLEOTIDE'
3 non-polymer 'CHLORIDE ION'
4 non-polymer 'TRIETHYLENE GLYCOL'
5 water water
#
_entity_poly.entity_id   1
_entity_poly.type   'polypeptide(L)'
_entity_poly.pdbx_seq_one_letter_code
;GSHMKTKPVLDPKRNDFQSFPLVEKTILTHNTSMYKFGLPHADDVLGLPIGQHIVIKANINGKDITRSYTPTSLDGDTKG
NFELLVKSYPTGNVSKMIGELKIGDSIQIKGPRGNYHYERNCRSHLGMIAGGTGIAPMYQIMKAIAMDPHDTTKVSLVFG
NVHEEDILLKKELEALVAMKPSQFKIVYYLDSPDREDWTGGVGYITKDVIKEHLPAATMDNVQILICGPPAMVASVRRST
VDLGFRRSKPLSKMEDQVFVF
;
_entity_poly.pdbx_strand_id   A
#
# COMPACT_ATOMS: atom_id res chain seq x y z
N LYS A 7 -4.00 1.41 -23.82
CA LYS A 7 -5.32 1.97 -23.49
C LYS A 7 -5.65 1.83 -22.01
N PRO A 8 -5.64 2.96 -21.29
CA PRO A 8 -5.97 2.95 -19.84
C PRO A 8 -7.49 2.93 -19.61
N VAL A 9 -7.91 2.05 -18.73
CA VAL A 9 -9.31 1.91 -18.43
C VAL A 9 -9.82 3.03 -17.51
N LEU A 10 -8.99 3.48 -16.56
CA LEU A 10 -9.40 4.56 -15.65
C LEU A 10 -9.18 5.92 -16.32
N ASP A 11 -10.16 6.82 -16.18
CA ASP A 11 -10.12 8.08 -16.92
C ASP A 11 -10.80 9.17 -16.10
N PRO A 12 -10.03 10.12 -15.55
CA PRO A 12 -10.66 11.18 -14.72
C PRO A 12 -11.73 11.99 -15.43
N LYS A 13 -11.79 11.98 -16.77
CA LYS A 13 -12.85 12.69 -17.45
C LYS A 13 -14.15 11.89 -17.48
N ARG A 14 -14.07 10.57 -17.38
CA ARG A 14 -15.24 9.71 -17.21
C ARG A 14 -15.31 9.25 -15.75
N ASN A 15 -15.68 10.19 -14.88
CA ASN A 15 -15.61 10.00 -13.44
C ASN A 15 -16.74 9.16 -12.84
N ASP A 16 -16.99 7.97 -13.38
N ASP A 16 -17.02 7.98 -13.38
CA ASP A 16 -18.08 7.08 -13.00
CA ASP A 16 -18.10 7.13 -12.87
C ASP A 16 -17.56 5.74 -12.49
C ASP A 16 -17.60 5.73 -12.54
N PHE A 17 -18.41 4.97 -11.79
CA PHE A 17 -18.08 3.56 -11.51
C PHE A 17 -18.22 2.66 -12.76
N GLN A 18 -17.34 1.68 -12.84
CA GLN A 18 -17.27 0.70 -13.92
C GLN A 18 -17.18 -0.70 -13.35
N SER A 19 -17.75 -1.67 -14.08
CA SER A 19 -17.78 -3.04 -13.57
C SER A 19 -16.71 -3.90 -14.19
N PHE A 20 -16.06 -4.73 -13.36
CA PHE A 20 -15.06 -5.68 -13.83
C PHE A 20 -15.24 -7.05 -13.18
N PRO A 21 -15.14 -8.12 -13.95
CA PRO A 21 -15.42 -9.45 -13.39
C PRO A 21 -14.17 -10.09 -12.78
N LEU A 22 -14.43 -10.84 -11.70
CA LEU A 22 -13.37 -11.61 -11.05
C LEU A 22 -13.02 -12.79 -11.94
N VAL A 23 -11.75 -12.94 -12.29
CA VAL A 23 -11.34 -14.03 -13.16
C VAL A 23 -10.51 -15.08 -12.42
N GLU A 24 -9.79 -14.71 -11.35
CA GLU A 24 -8.94 -15.65 -10.64
C GLU A 24 -8.81 -15.17 -9.21
N LYS A 25 -8.72 -16.15 -8.30
CA LYS A 25 -8.57 -15.89 -6.87
C LYS A 25 -7.58 -16.89 -6.29
N THR A 26 -6.54 -16.38 -5.63
CA THR A 26 -5.45 -17.18 -5.06
C THR A 26 -5.29 -16.82 -3.58
N ILE A 27 -5.23 -17.82 -2.73
CA ILE A 27 -5.22 -17.59 -1.29
C ILE A 27 -3.82 -17.23 -0.84
N LEU A 28 -3.70 -16.17 -0.04
CA LEU A 28 -2.43 -15.87 0.62
C LEU A 28 -2.41 -16.32 2.06
N THR A 29 -3.50 -16.08 2.79
CA THR A 29 -3.64 -16.48 4.18
C THR A 29 -5.09 -16.86 4.36
N HIS A 30 -5.45 -17.25 5.56
CA HIS A 30 -6.81 -17.69 5.81
C HIS A 30 -7.84 -16.60 5.55
N ASN A 31 -7.47 -15.34 5.62
CA ASN A 31 -8.46 -14.28 5.39
C ASN A 31 -8.04 -13.32 4.28
N THR A 32 -6.99 -13.64 3.51
CA THR A 32 -6.46 -12.67 2.55
C THR A 32 -6.18 -13.42 1.27
N SER A 33 -6.62 -12.85 0.15
CA SER A 33 -6.39 -13.49 -1.13
C SER A 33 -5.94 -12.45 -2.15
N MET A 34 -5.36 -12.94 -3.22
CA MET A 34 -5.09 -12.12 -4.41
C MET A 34 -6.24 -12.34 -5.37
N TYR A 35 -6.78 -11.25 -5.87
CA TYR A 35 -7.98 -11.24 -6.71
C TYR A 35 -7.60 -10.63 -8.05
N LYS A 36 -7.83 -11.35 -9.14
CA LYS A 36 -7.51 -10.90 -10.49
C LYS A 36 -8.81 -10.59 -11.19
N PHE A 37 -8.95 -9.35 -11.66
CA PHE A 37 -10.17 -8.86 -12.31
C PHE A 37 -9.87 -8.59 -13.77
N GLY A 38 -10.83 -8.90 -14.65
CA GLY A 38 -10.58 -8.84 -16.08
C GLY A 38 -10.87 -7.46 -16.63
N LEU A 39 -10.03 -7.03 -17.58
CA LEU A 39 -10.32 -5.84 -18.35
C LEU A 39 -10.94 -6.22 -19.68
N PRO A 40 -11.61 -5.28 -20.35
CA PRO A 40 -12.37 -5.62 -21.57
C PRO A 40 -11.53 -6.16 -22.71
N HIS A 41 -10.30 -5.67 -22.88
CA HIS A 41 -9.45 -6.12 -23.95
C HIS A 41 -8.12 -6.60 -23.37
N ALA A 42 -7.50 -7.54 -24.08
CA ALA A 42 -6.25 -8.15 -23.63
C ALA A 42 -5.11 -7.17 -23.57
N ASP A 43 -5.17 -6.07 -24.30
CA ASP A 43 -4.12 -5.05 -24.30
C ASP A 43 -4.43 -3.85 -23.38
N ASP A 44 -5.55 -3.88 -22.67
CA ASP A 44 -5.88 -2.79 -21.76
C ASP A 44 -4.94 -2.83 -20.55
N VAL A 45 -4.68 -1.64 -19.98
CA VAL A 45 -4.04 -1.56 -18.68
C VAL A 45 -4.98 -0.75 -17.80
N LEU A 46 -4.81 -0.92 -16.50
CA LEU A 46 -5.68 -0.21 -15.58
C LEU A 46 -5.47 1.30 -15.68
N GLY A 47 -4.21 1.74 -15.79
CA GLY A 47 -3.99 3.18 -15.89
C GLY A 47 -3.93 3.89 -14.54
N LEU A 48 -3.49 3.21 -13.50
CA LEU A 48 -3.46 3.81 -12.15
C LEU A 48 -2.10 4.44 -11.89
N PRO A 49 -2.00 5.77 -11.76
CA PRO A 49 -0.69 6.38 -11.47
C PRO A 49 -0.15 5.92 -10.14
N ILE A 50 1.18 5.85 -10.07
CA ILE A 50 1.82 5.41 -8.83
C ILE A 50 1.55 6.40 -7.71
N GLY A 51 1.14 5.86 -6.58
CA GLY A 51 0.73 6.64 -5.43
C GLY A 51 -0.77 6.67 -5.22
N GLN A 52 -1.53 6.41 -6.28
CA GLN A 52 -2.98 6.50 -6.24
C GLN A 52 -3.60 5.13 -6.04
N HIS A 53 -4.89 5.14 -5.68
CA HIS A 53 -5.65 3.92 -5.41
C HIS A 53 -6.92 3.92 -6.24
N ILE A 54 -7.59 2.76 -6.24
CA ILE A 54 -8.95 2.69 -6.77
C ILE A 54 -9.90 2.68 -5.59
N VAL A 55 -11.18 2.89 -5.89
N VAL A 55 -11.16 2.91 -5.86
CA VAL A 55 -12.27 2.84 -4.92
CA VAL A 55 -12.16 2.74 -4.82
C VAL A 55 -13.22 1.72 -5.33
C VAL A 55 -13.18 1.72 -5.30
N ILE A 56 -13.61 0.88 -4.36
CA ILE A 56 -14.59 -0.17 -4.65
C ILE A 56 -15.84 0.10 -3.83
N LYS A 57 -16.99 -0.03 -4.45
CA LYS A 57 -18.28 0.28 -3.82
C LYS A 57 -19.05 -1.02 -3.60
N ALA A 58 -19.60 -1.19 -2.39
CA ALA A 58 -20.53 -2.27 -2.10
C ALA A 58 -21.83 -1.70 -1.54
N ASN A 59 -22.98 -2.21 -1.98
CA ASN A 59 -24.25 -1.78 -1.42
C ASN A 59 -24.64 -2.76 -0.32
N ILE A 60 -24.67 -2.29 0.92
CA ILE A 60 -24.81 -3.12 2.12
C ILE A 60 -25.67 -2.34 3.10
N ASN A 61 -26.69 -3.01 3.67
N ASN A 61 -26.69 -3.01 3.65
CA ASN A 61 -27.49 -2.45 4.75
CA ASN A 61 -27.49 -2.44 4.74
C ASN A 61 -28.03 -1.06 4.38
C ASN A 61 -28.05 -1.07 4.38
N GLY A 62 -28.49 -0.92 3.13
CA GLY A 62 -29.09 0.32 2.67
C GLY A 62 -28.13 1.46 2.40
N LYS A 63 -26.83 1.18 2.36
CA LYS A 63 -25.80 2.19 2.15
C LYS A 63 -24.92 1.80 0.99
N ASP A 64 -24.48 2.81 0.23
CA ASP A 64 -23.32 2.64 -0.65
C ASP A 64 -22.07 2.88 0.18
N ILE A 65 -21.28 1.83 0.38
CA ILE A 65 -20.05 1.89 1.18
C ILE A 65 -18.89 1.79 0.20
N THR A 66 -17.95 2.72 0.31
N THR A 66 -17.93 2.70 0.33
CA THR A 66 -16.81 2.74 -0.60
CA THR A 66 -16.82 2.74 -0.62
C THR A 66 -15.52 2.70 0.19
C THR A 66 -15.51 2.78 0.14
N ARG A 67 -14.54 2.00 -0.33
CA ARG A 67 -13.23 1.90 0.33
C ARG A 67 -12.09 1.89 -0.69
N SER A 68 -10.90 2.30 -0.21
CA SER A 68 -9.72 2.42 -1.08
C SER A 68 -8.95 1.10 -1.13
N TYR A 69 -8.46 0.74 -2.34
CA TYR A 69 -7.58 -0.42 -2.52
C TYR A 69 -6.47 -0.04 -3.48
N THR A 70 -5.25 -0.57 -3.18
CA THR A 70 -4.12 -0.27 -4.08
C THR A 70 -3.72 -1.53 -4.79
N PRO A 71 -4.01 -1.67 -6.09
CA PRO A 71 -3.63 -2.91 -6.79
C PRO A 71 -2.13 -3.16 -6.69
N THR A 72 -1.81 -4.44 -6.63
CA THR A 72 -0.43 -4.90 -6.64
C THR A 72 0.11 -4.93 -8.06
N SER A 73 -0.77 -4.91 -9.08
CA SER A 73 -0.30 -4.92 -10.46
C SER A 73 0.05 -3.49 -10.90
N LEU A 74 1.02 -3.37 -11.82
CA LEU A 74 1.33 -2.10 -12.45
C LEU A 74 1.02 -2.19 -13.94
N ASP A 75 0.84 -1.03 -14.59
CA ASP A 75 0.65 -1.08 -16.04
C ASP A 75 1.79 -1.81 -16.73
N GLY A 76 3.02 -1.65 -16.22
CA GLY A 76 4.17 -2.18 -16.90
C GLY A 76 4.36 -3.67 -16.80
N ASP A 77 3.62 -4.36 -15.92
CA ASP A 77 3.74 -5.81 -15.89
C ASP A 77 2.42 -6.52 -16.04
N THR A 78 1.32 -5.80 -16.23
CA THR A 78 0.01 -6.46 -16.25
C THR A 78 -0.89 -5.81 -17.28
N LYS A 79 -1.32 -6.62 -18.26
CA LYS A 79 -2.23 -6.23 -19.35
C LYS A 79 -3.43 -7.16 -19.37
N GLY A 80 -4.61 -6.61 -19.66
CA GLY A 80 -5.82 -7.40 -19.75
C GLY A 80 -6.49 -7.70 -18.42
N ASN A 81 -5.89 -7.32 -17.30
N ASN A 81 -5.87 -7.33 -17.30
CA ASN A 81 -6.42 -7.58 -15.97
CA ASN A 81 -6.35 -7.62 -15.95
C ASN A 81 -5.73 -6.62 -15.00
C ASN A 81 -5.74 -6.59 -15.01
N PHE A 82 -6.24 -6.59 -13.76
CA PHE A 82 -5.52 -5.96 -12.66
C PHE A 82 -5.67 -6.85 -11.45
N GLU A 83 -4.77 -6.67 -10.47
CA GLU A 83 -4.67 -7.64 -9.39
C GLU A 83 -4.70 -6.88 -8.06
N LEU A 84 -5.49 -7.38 -7.10
CA LEU A 84 -5.61 -6.75 -5.78
C LEU A 84 -5.34 -7.77 -4.72
N LEU A 85 -4.78 -7.30 -3.59
CA LEU A 85 -4.73 -8.09 -2.38
C LEU A 85 -5.83 -7.56 -1.48
N VAL A 86 -6.68 -8.44 -0.92
CA VAL A 86 -7.76 -7.95 -0.06
C VAL A 86 -7.88 -8.88 1.14
N LYS A 87 -7.84 -8.30 2.32
CA LYS A 87 -8.05 -9.01 3.58
C LYS A 87 -9.50 -8.82 3.99
N SER A 88 -10.23 -9.92 4.21
CA SER A 88 -11.63 -9.85 4.63
C SER A 88 -11.82 -9.97 6.14
N TYR A 89 -12.73 -9.16 6.68
CA TYR A 89 -13.07 -9.26 8.10
C TYR A 89 -14.46 -9.83 8.31
N PRO A 90 -14.66 -10.55 9.42
CA PRO A 90 -15.97 -11.15 9.72
C PRO A 90 -17.10 -10.13 9.75
N THR A 91 -16.84 -8.93 10.28
CA THR A 91 -17.83 -7.86 10.30
C THR A 91 -17.44 -6.73 9.35
N GLY A 92 -16.65 -7.05 8.34
CA GLY A 92 -16.28 -6.08 7.36
C GLY A 92 -17.48 -5.73 6.50
N ASN A 93 -17.24 -4.81 5.59
CA ASN A 93 -18.23 -4.29 4.66
C ASN A 93 -17.74 -4.55 3.24
N VAL A 94 -17.01 -3.60 2.65
CA VAL A 94 -16.51 -3.85 1.29
C VAL A 94 -15.62 -5.11 1.26
N SER A 95 -14.78 -5.29 2.29
CA SER A 95 -13.84 -6.42 2.30
C SER A 95 -14.58 -7.74 2.43
N LYS A 96 -15.75 -7.71 3.10
CA LYS A 96 -16.55 -8.91 3.26
C LYS A 96 -17.25 -9.24 1.94
N MET A 97 -17.75 -8.21 1.25
CA MET A 97 -18.31 -8.41 -0.09
C MET A 97 -17.27 -9.06 -1.00
N ILE A 98 -16.03 -8.55 -1.00
CA ILE A 98 -15.04 -9.07 -1.92
C ILE A 98 -14.76 -10.52 -1.61
N GLY A 99 -14.71 -10.86 -0.32
CA GLY A 99 -14.44 -12.25 0.06
C GLY A 99 -15.58 -13.21 -0.20
N GLU A 100 -16.75 -12.70 -0.58
CA GLU A 100 -17.91 -13.50 -0.97
C GLU A 100 -18.06 -13.62 -2.49
N LEU A 101 -17.29 -12.90 -3.29
CA LEU A 101 -17.42 -13.00 -4.75
C LEU A 101 -17.12 -14.41 -5.21
N LYS A 102 -17.88 -14.88 -6.18
CA LYS A 102 -17.45 -16.09 -6.88
C LYS A 102 -16.83 -15.65 -8.20
N ILE A 103 -16.06 -16.55 -8.78
CA ILE A 103 -15.51 -16.28 -10.11
C ILE A 103 -16.64 -15.91 -11.06
N GLY A 104 -16.45 -14.84 -11.81
CA GLY A 104 -17.41 -14.34 -12.74
C GLY A 104 -18.28 -13.22 -12.18
N ASP A 105 -18.33 -13.08 -10.86
CA ASP A 105 -19.00 -11.93 -10.27
C ASP A 105 -18.18 -10.67 -10.50
N SER A 106 -18.85 -9.50 -10.55
CA SER A 106 -18.16 -8.25 -10.83
C SER A 106 -18.15 -7.32 -9.62
N ILE A 107 -17.19 -6.39 -9.66
CA ILE A 107 -17.09 -5.32 -8.67
C ILE A 107 -17.24 -3.99 -9.41
N GLN A 108 -17.70 -2.97 -8.70
N GLN A 108 -17.71 -2.98 -8.68
CA GLN A 108 -17.86 -1.63 -9.25
CA GLN A 108 -17.87 -1.61 -9.16
C GLN A 108 -16.73 -0.77 -8.70
C GLN A 108 -16.67 -0.79 -8.68
N ILE A 109 -15.90 -0.22 -9.60
CA ILE A 109 -14.72 0.54 -9.19
C ILE A 109 -14.68 1.91 -9.85
N LYS A 110 -13.96 2.82 -9.19
CA LYS A 110 -13.78 4.19 -9.68
C LYS A 110 -12.36 4.58 -9.37
N GLY A 111 -11.80 5.47 -10.18
CA GLY A 111 -10.41 5.79 -9.97
C GLY A 111 -9.89 6.59 -11.15
N PRO A 112 -8.65 7.11 -11.02
CA PRO A 112 -7.79 7.00 -9.82
C PRO A 112 -8.18 8.02 -8.75
N ARG A 113 -7.72 7.76 -7.54
CA ARG A 113 -8.00 8.64 -6.40
C ARG A 113 -6.75 8.72 -5.55
N GLY A 114 -6.56 9.84 -4.89
CA GLY A 114 -5.53 9.91 -3.87
C GLY A 114 -4.67 11.14 -4.12
N ASN A 115 -4.04 11.63 -3.05
CA ASN A 115 -3.23 12.84 -3.13
C ASN A 115 -1.75 12.55 -3.29
N TYR A 116 -1.34 11.29 -3.23
CA TYR A 116 0.08 10.97 -3.38
C TYR A 116 0.32 10.77 -4.87
N HIS A 117 1.09 11.67 -5.49
CA HIS A 117 1.34 11.60 -6.93
C HIS A 117 2.85 11.30 -7.08
N TYR A 118 3.22 10.01 -7.04
CA TYR A 118 4.63 9.65 -7.03
C TYR A 118 5.24 9.92 -8.40
N GLU A 119 6.38 10.60 -8.44
N GLU A 119 6.38 10.59 -8.45
CA GLU A 119 7.14 10.76 -9.66
CA GLU A 119 7.12 10.76 -9.68
C GLU A 119 8.57 10.33 -9.41
C GLU A 119 8.57 10.38 -9.43
N ARG A 120 9.22 9.85 -10.46
CA ARG A 120 10.62 9.41 -10.34
C ARG A 120 11.50 10.48 -9.66
N ASN A 121 12.19 10.07 -8.59
CA ASN A 121 13.17 10.93 -7.91
C ASN A 121 12.56 12.24 -7.36
N CYS A 122 11.27 12.27 -7.12
CA CYS A 122 10.66 13.45 -6.48
C CYS A 122 11.15 13.63 -5.03
N ARG A 123 11.64 12.56 -4.40
CA ARG A 123 12.23 12.62 -3.07
C ARG A 123 13.57 11.87 -3.10
N SER A 124 14.48 12.26 -2.20
CA SER A 124 15.72 11.52 -2.11
C SER A 124 15.58 10.18 -1.36
N HIS A 125 14.69 10.13 -0.37
CA HIS A 125 14.60 8.95 0.50
C HIS A 125 13.18 8.88 1.04
N LEU A 126 12.52 7.75 0.90
CA LEU A 126 11.19 7.53 1.46
C LEU A 126 11.36 6.64 2.68
N GLY A 127 10.86 7.08 3.84
CA GLY A 127 10.75 6.22 4.98
C GLY A 127 9.32 5.72 5.05
N MET A 128 9.12 4.40 5.00
CA MET A 128 7.78 3.83 4.92
C MET A 128 7.45 3.11 6.21
N ILE A 129 6.26 3.36 6.76
CA ILE A 129 5.81 2.68 7.97
C ILE A 129 4.47 2.04 7.63
N ALA A 130 4.40 0.72 7.67
CA ALA A 130 3.20 0.00 7.28
C ALA A 130 2.81 -1.01 8.35
N GLY A 131 1.49 -1.20 8.51
CA GLY A 131 0.99 -2.37 9.26
C GLY A 131 -0.17 -3.01 8.53
N GLY A 132 -0.27 -4.34 8.61
CA GLY A 132 -1.38 -5.02 7.95
C GLY A 132 -1.49 -4.72 6.47
N THR A 133 -2.71 -4.39 6.02
CA THR A 133 -2.89 -4.10 4.60
C THR A 133 -2.34 -2.76 4.21
N GLY A 134 -1.86 -1.99 5.18
CA GLY A 134 -1.13 -0.77 4.87
C GLY A 134 0.10 -1.02 4.01
N ILE A 135 0.54 -2.27 3.87
CA ILE A 135 1.66 -2.56 2.98
C ILE A 135 1.26 -2.27 1.53
N ALA A 136 -0.03 -2.30 1.19
CA ALA A 136 -0.39 -2.21 -0.24
C ALA A 136 0.04 -0.90 -0.88
N PRO A 137 -0.22 0.27 -0.31
CA PRO A 137 0.27 1.50 -0.96
C PRO A 137 1.78 1.56 -0.98
N MET A 138 2.45 0.97 0.01
CA MET A 138 3.91 1.00 0.05
C MET A 138 4.48 0.12 -1.05
N TYR A 139 3.92 -1.10 -1.17
CA TYR A 139 4.43 -2.06 -2.15
C TYR A 139 4.34 -1.48 -3.56
N GLN A 140 3.22 -0.84 -3.88
CA GLN A 140 3.04 -0.29 -5.22
C GLN A 140 4.18 0.68 -5.56
N ILE A 141 4.53 1.54 -4.62
CA ILE A 141 5.57 2.53 -4.81
C ILE A 141 6.93 1.87 -4.89
N MET A 142 7.23 0.95 -3.97
N MET A 142 7.23 0.97 -3.94
CA MET A 142 8.54 0.31 -4.00
CA MET A 142 8.51 0.27 -3.97
C MET A 142 8.70 -0.49 -5.28
C MET A 142 8.69 -0.48 -5.28
N LYS A 143 7.63 -1.16 -5.73
CA LYS A 143 7.74 -1.93 -6.97
C LYS A 143 8.00 -1.01 -8.16
N ALA A 144 7.29 0.11 -8.22
CA ALA A 144 7.54 1.08 -9.31
C ALA A 144 8.99 1.53 -9.30
N ILE A 145 9.50 1.88 -8.12
CA ILE A 145 10.88 2.36 -8.03
C ILE A 145 11.84 1.26 -8.45
N ALA A 146 11.57 0.01 -8.00
CA ALA A 146 12.42 -1.13 -8.36
C ALA A 146 12.47 -1.33 -9.87
N MET A 147 11.33 -1.15 -10.55
N MET A 147 11.33 -1.17 -10.54
CA MET A 147 11.26 -1.46 -11.96
CA MET A 147 11.28 -1.47 -11.97
C MET A 147 11.71 -0.32 -12.86
C MET A 147 11.82 -0.35 -12.84
N ASP A 148 11.93 0.86 -12.30
CA ASP A 148 12.36 2.02 -13.07
C ASP A 148 13.89 2.10 -12.98
N PRO A 149 14.65 1.85 -14.04
CA PRO A 149 16.11 1.80 -13.90
C PRO A 149 16.76 3.16 -13.72
N HIS A 150 15.99 4.25 -13.72
CA HIS A 150 16.55 5.58 -13.52
C HIS A 150 16.08 6.21 -12.21
N ASP A 151 15.36 5.46 -11.39
CA ASP A 151 14.88 5.99 -10.09
C ASP A 151 15.83 5.52 -9.01
N THR A 152 16.55 6.48 -8.42
CA THR A 152 17.56 6.21 -7.40
C THR A 152 17.06 6.42 -5.97
N THR A 153 15.77 6.72 -5.81
CA THR A 153 15.20 6.98 -4.48
C THR A 153 15.45 5.84 -3.49
N LYS A 154 16.08 6.16 -2.37
CA LYS A 154 16.23 5.19 -1.29
C LYS A 154 14.88 4.95 -0.64
N VAL A 155 14.66 3.71 -0.20
CA VAL A 155 13.43 3.35 0.50
C VAL A 155 13.82 2.59 1.76
N SER A 156 13.32 3.00 2.93
CA SER A 156 13.54 2.27 4.17
C SER A 156 12.16 1.99 4.70
N LEU A 157 11.79 0.71 4.79
CA LEU A 157 10.45 0.31 5.21
C LEU A 157 10.54 -0.40 6.56
N VAL A 158 9.69 0.03 7.52
N VAL A 158 9.68 0.02 7.51
CA VAL A 158 9.48 -0.72 8.77
CA VAL A 158 9.46 -0.74 8.74
C VAL A 158 8.05 -1.24 8.70
C VAL A 158 8.04 -1.26 8.67
N PHE A 159 7.87 -2.58 8.80
CA PHE A 159 6.60 -3.23 8.50
C PHE A 159 6.24 -4.04 9.73
N GLY A 160 5.23 -3.59 10.47
CA GLY A 160 4.91 -4.17 11.78
C GLY A 160 3.58 -4.92 11.74
N ASN A 161 3.53 -6.09 12.37
CA ASN A 161 2.31 -6.87 12.47
C ASN A 161 2.31 -7.54 13.83
N VAL A 162 1.24 -8.30 14.14
CA VAL A 162 1.16 -8.96 15.44
C VAL A 162 1.92 -10.28 15.42
N HIS A 163 1.65 -11.11 14.42
CA HIS A 163 2.32 -12.40 14.38
C HIS A 163 2.46 -12.85 12.92
N GLU A 164 3.13 -13.99 12.73
CA GLU A 164 3.64 -14.36 11.41
C GLU A 164 2.54 -14.41 10.35
N GLU A 165 1.38 -14.97 10.69
CA GLU A 165 0.36 -15.18 9.66
C GLU A 165 -0.22 -13.85 9.14
N ASP A 166 0.04 -12.72 9.82
CA ASP A 166 -0.46 -11.43 9.35
C ASP A 166 0.48 -10.78 8.34
N ILE A 167 1.69 -11.29 8.14
CA ILE A 167 2.64 -10.60 7.25
C ILE A 167 2.23 -10.90 5.83
N LEU A 168 2.07 -9.84 5.03
CA LEU A 168 1.66 -9.95 3.65
C LEU A 168 2.81 -9.53 2.74
N LEU A 169 2.95 -10.23 1.61
CA LEU A 169 3.83 -9.84 0.51
C LEU A 169 5.30 -9.96 0.88
N LYS A 170 5.65 -10.73 1.91
CA LYS A 170 7.05 -10.77 2.35
C LYS A 170 7.97 -11.23 1.22
N LYS A 171 7.60 -12.30 0.51
CA LYS A 171 8.49 -12.81 -0.53
C LYS A 171 8.60 -11.82 -1.70
N GLU A 172 7.48 -11.16 -2.05
CA GLU A 172 7.52 -10.14 -3.10
C GLU A 172 8.40 -8.97 -2.70
N LEU A 173 8.26 -8.51 -1.46
CA LEU A 173 9.08 -7.41 -0.95
C LEU A 173 10.55 -7.77 -0.99
N GLU A 174 10.88 -8.96 -0.52
CA GLU A 174 12.27 -9.40 -0.49
C GLU A 174 12.84 -9.43 -1.90
N ALA A 175 12.02 -9.82 -2.89
CA ALA A 175 12.49 -9.80 -4.28
C ALA A 175 12.77 -8.39 -4.77
N LEU A 176 11.99 -7.40 -4.31
CA LEU A 176 12.29 -6.02 -4.72
C LEU A 176 13.61 -5.60 -4.10
N VAL A 177 13.84 -5.96 -2.83
CA VAL A 177 15.12 -5.63 -2.20
C VAL A 177 16.26 -6.21 -3.03
N ALA A 178 16.08 -7.43 -3.53
CA ALA A 178 17.17 -8.07 -4.25
C ALA A 178 17.45 -7.37 -5.57
N MET A 179 16.46 -6.65 -6.09
CA MET A 179 16.69 -5.89 -7.33
C MET A 179 17.59 -4.68 -7.09
N LYS A 180 17.38 -3.98 -5.98
CA LYS A 180 18.16 -2.78 -5.63
C LYS A 180 18.60 -2.86 -4.19
N PRO A 181 19.54 -3.77 -3.88
CA PRO A 181 19.87 -4.05 -2.47
C PRO A 181 20.63 -2.92 -1.80
N SER A 182 21.17 -1.98 -2.59
N SER A 182 21.22 -1.99 -2.55
CA SER A 182 21.87 -0.81 -2.08
CA SER A 182 21.81 -0.84 -1.87
C SER A 182 20.95 0.38 -1.92
C SER A 182 20.75 0.21 -1.57
N GLN A 183 19.72 0.26 -2.38
CA GLN A 183 18.76 1.35 -2.36
C GLN A 183 17.61 1.12 -1.39
N PHE A 184 17.27 -0.15 -1.17
CA PHE A 184 16.11 -0.59 -0.40
C PHE A 184 16.51 -1.32 0.88
N LYS A 185 15.78 -1.04 1.96
CA LYS A 185 16.00 -1.69 3.26
C LYS A 185 14.64 -1.98 3.85
N ILE A 186 14.40 -3.21 4.33
CA ILE A 186 13.14 -3.56 4.98
C ILE A 186 13.43 -4.25 6.32
N VAL A 187 12.76 -3.81 7.38
N VAL A 187 12.72 -3.85 7.37
CA VAL A 187 12.79 -4.53 8.64
CA VAL A 187 12.83 -4.53 8.65
C VAL A 187 11.37 -4.94 8.96
C VAL A 187 11.42 -4.89 9.11
N TYR A 188 11.21 -6.19 9.42
CA TYR A 188 9.90 -6.72 9.77
C TYR A 188 9.82 -6.78 11.29
N TYR A 189 8.74 -6.28 11.87
CA TYR A 189 8.51 -6.41 13.30
C TYR A 189 7.26 -7.25 13.54
N LEU A 190 7.34 -8.11 14.56
CA LEU A 190 6.16 -8.82 15.08
C LEU A 190 6.00 -8.49 16.54
N ASP A 191 4.81 -8.02 16.92
CA ASP A 191 4.60 -7.70 18.33
C ASP A 191 4.72 -8.95 19.22
N SER A 192 4.21 -10.09 18.74
CA SER A 192 4.09 -11.29 19.56
C SER A 192 4.23 -12.49 18.64
N PRO A 193 5.46 -12.85 18.28
CA PRO A 193 5.61 -14.02 17.40
C PRO A 193 4.98 -15.26 18.00
N ASP A 194 4.44 -16.12 17.11
CA ASP A 194 3.88 -17.39 17.55
C ASP A 194 4.96 -18.46 17.74
N ARG A 195 6.06 -18.32 17.01
CA ARG A 195 7.05 -19.35 16.84
C ARG A 195 8.41 -18.93 17.36
N GLU A 196 9.19 -19.93 17.78
CA GLU A 196 10.52 -19.65 18.30
C GLU A 196 11.51 -19.31 17.20
N ASP A 197 11.18 -19.57 15.93
CA ASP A 197 12.13 -19.32 14.84
C ASP A 197 11.96 -17.96 14.19
N TRP A 198 11.20 -17.04 14.79
CA TRP A 198 11.26 -15.67 14.33
C TRP A 198 12.62 -15.07 14.69
N THR A 199 13.28 -14.47 13.72
CA THR A 199 14.51 -13.72 13.96
C THR A 199 14.42 -12.25 13.55
N GLY A 200 13.24 -11.74 13.12
CA GLY A 200 13.09 -10.33 12.79
C GLY A 200 12.91 -9.51 14.05
N GLY A 201 12.40 -8.29 13.88
CA GLY A 201 12.18 -7.42 15.03
C GLY A 201 11.05 -7.93 15.90
N VAL A 202 11.14 -7.64 17.19
CA VAL A 202 10.13 -8.03 18.18
C VAL A 202 9.52 -6.77 18.76
N GLY A 203 8.21 -6.76 18.89
CA GLY A 203 7.53 -5.62 19.50
C GLY A 203 6.85 -4.82 18.39
N TYR A 204 6.40 -3.60 18.76
CA TYR A 204 5.74 -2.75 17.78
C TYR A 204 6.68 -1.63 17.33
N ILE A 205 6.18 -0.79 16.42
CA ILE A 205 7.00 0.25 15.80
C ILE A 205 7.03 1.45 16.75
N THR A 206 8.11 1.55 17.50
CA THR A 206 8.28 2.59 18.53
C THR A 206 9.06 3.77 17.93
N LYS A 207 9.11 4.87 18.68
CA LYS A 207 10.00 5.97 18.32
C LYS A 207 11.41 5.47 18.05
N ASP A 208 11.90 4.57 18.91
CA ASP A 208 13.28 4.09 18.77
C ASP A 208 13.46 3.30 17.49
N VAL A 209 12.46 2.49 17.11
CA VAL A 209 12.52 1.76 15.83
C VAL A 209 12.63 2.74 14.66
N ILE A 210 11.79 3.78 14.68
CA ILE A 210 11.75 4.75 13.58
C ILE A 210 13.07 5.52 13.51
N LYS A 211 13.59 5.92 14.66
CA LYS A 211 14.87 6.63 14.67
C LYS A 211 16.00 5.75 14.15
N GLU A 212 15.96 4.45 14.47
CA GLU A 212 17.05 3.56 14.09
C GLU A 212 17.01 3.27 12.59
N HIS A 213 15.82 3.03 12.06
CA HIS A 213 15.73 2.43 10.74
C HIS A 213 15.32 3.38 9.64
N LEU A 214 14.68 4.50 9.95
CA LEU A 214 14.24 5.42 8.89
C LEU A 214 15.16 6.65 8.85
N PRO A 215 15.21 7.36 7.71
CA PRO A 215 15.98 8.60 7.65
C PRO A 215 15.51 9.64 8.68
N ALA A 216 16.45 10.50 9.08
CA ALA A 216 16.19 11.56 10.04
C ALA A 216 15.48 12.75 9.39
N ALA A 217 14.78 13.52 10.24
CA ALA A 217 14.02 14.67 9.74
C ALA A 217 14.90 15.72 9.13
N THR A 218 16.19 15.68 9.41
CA THR A 218 17.10 16.70 8.89
C THR A 218 17.63 16.36 7.51
N MET A 219 17.31 15.19 6.98
N MET A 219 17.33 15.17 6.98
CA MET A 219 17.84 14.81 5.68
CA MET A 219 17.83 14.81 5.67
C MET A 219 17.11 15.57 4.59
C MET A 219 17.11 15.61 4.60
N ASP A 220 17.88 16.04 3.60
CA ASP A 220 17.31 16.85 2.54
C ASP A 220 16.34 16.03 1.70
N ASN A 221 15.13 16.56 1.50
N ASN A 221 15.14 16.56 1.49
CA ASN A 221 14.12 16.02 0.58
CA ASN A 221 14.16 16.00 0.55
C ASN A 221 13.74 14.60 0.94
C ASN A 221 13.76 14.57 0.94
N VAL A 222 13.63 14.33 2.24
CA VAL A 222 13.12 13.05 2.76
C VAL A 222 11.60 13.18 2.91
N GLN A 223 10.89 12.04 2.92
CA GLN A 223 9.46 12.03 3.20
C GLN A 223 9.15 10.74 3.94
N ILE A 224 8.28 10.81 4.93
CA ILE A 224 7.80 9.63 5.64
C ILE A 224 6.40 9.31 5.15
N LEU A 225 6.16 8.06 4.79
CA LEU A 225 4.83 7.60 4.35
C LEU A 225 4.29 6.61 5.36
N ILE A 226 3.01 6.75 5.75
CA ILE A 226 2.38 5.94 6.81
C ILE A 226 1.07 5.34 6.31
N CYS A 227 0.87 4.02 6.53
CA CYS A 227 -0.44 3.43 6.25
C CYS A 227 -0.61 2.21 7.16
N GLY A 228 -1.72 2.18 7.91
CA GLY A 228 -1.94 1.06 8.81
C GLY A 228 -3.23 1.30 9.59
N PRO A 229 -3.51 0.47 10.58
CA PRO A 229 -4.73 0.66 11.37
C PRO A 229 -4.61 1.89 12.24
N PRO A 230 -5.74 2.47 12.66
CA PRO A 230 -5.70 3.79 13.32
C PRO A 230 -4.79 3.84 14.53
N ALA A 231 -4.75 2.80 15.39
CA ALA A 231 -3.87 2.87 16.57
C ALA A 231 -2.42 2.95 16.18
N MET A 232 -2.02 2.25 15.10
CA MET A 232 -0.64 2.30 14.65
C MET A 232 -0.36 3.68 14.09
N VAL A 233 -1.29 4.22 13.30
CA VAL A 233 -1.10 5.55 12.73
C VAL A 233 -0.94 6.60 13.82
N ALA A 234 -1.80 6.56 14.84
CA ALA A 234 -1.70 7.59 15.87
C ALA A 234 -0.37 7.49 16.62
N SER A 235 0.06 6.26 16.92
N SER A 235 0.09 6.27 16.89
CA SER A 235 1.32 6.05 17.63
CA SER A 235 1.33 6.13 17.66
C SER A 235 2.52 6.55 16.82
C SER A 235 2.56 6.51 16.84
N VAL A 236 2.58 6.17 15.54
CA VAL A 236 3.79 6.49 14.77
C VAL A 236 3.78 7.97 14.38
N ARG A 237 2.60 8.57 14.18
N ARG A 237 2.59 8.54 14.18
CA ARG A 237 2.58 10.02 13.95
CA ARG A 237 2.47 9.97 13.96
C ARG A 237 3.19 10.74 15.14
C ARG A 237 3.10 10.75 15.12
N ARG A 238 2.76 10.37 16.34
CA ARG A 238 3.32 11.03 17.51
C ARG A 238 4.83 10.85 17.56
N SER A 239 5.31 9.64 17.24
CA SER A 239 6.76 9.38 17.24
C SER A 239 7.48 10.26 16.23
N THR A 240 6.91 10.44 15.03
CA THR A 240 7.58 11.30 14.06
C THR A 240 7.64 12.75 14.54
N VAL A 241 6.60 13.26 15.21
CA VAL A 241 6.67 14.63 15.74
C VAL A 241 7.76 14.72 16.80
N ASP A 242 7.81 13.73 17.69
N ASP A 242 7.81 13.73 17.69
CA ASP A 242 8.81 13.70 18.74
CA ASP A 242 8.82 13.73 18.75
C ASP A 242 10.23 13.61 18.19
C ASP A 242 10.23 13.60 18.19
N LEU A 243 10.39 13.09 16.97
CA LEU A 243 11.70 12.99 16.33
C LEU A 243 11.98 14.21 15.44
N GLY A 244 11.12 15.21 15.45
CA GLY A 244 11.43 16.46 14.80
C GLY A 244 10.89 16.59 13.40
N PHE A 245 10.16 15.59 12.92
CA PHE A 245 9.46 15.75 11.66
C PHE A 245 8.34 16.77 11.79
N ARG A 246 7.98 17.40 10.69
CA ARG A 246 6.85 18.32 10.71
C ARG A 246 5.55 17.53 10.94
N ARG A 247 4.62 18.17 11.67
CA ARG A 247 3.35 17.52 12.00
C ARG A 247 2.59 17.20 10.72
N SER A 248 2.07 15.97 10.62
CA SER A 248 1.28 15.63 9.43
C SER A 248 0.01 16.48 9.40
N LYS A 249 -0.43 16.86 8.20
CA LYS A 249 -1.54 17.82 8.09
C LYS A 249 -2.86 17.08 8.20
N PRO A 250 -3.93 17.76 8.63
CA PRO A 250 -5.23 17.08 8.72
C PRO A 250 -5.61 16.42 7.40
N LEU A 251 -5.38 17.13 6.30
CA LEU A 251 -5.55 16.65 4.94
C LEU A 251 -4.16 16.44 4.34
N SER A 252 -3.66 15.20 4.29
CA SER A 252 -2.27 14.98 3.85
C SER A 252 -2.15 15.32 2.37
N LYS A 253 -1.21 16.19 2.08
CA LYS A 253 -0.93 16.61 0.72
C LYS A 253 0.48 16.15 0.39
N MET A 254 0.74 16.05 -0.92
N MET A 254 0.76 16.01 -0.90
CA MET A 254 1.98 15.46 -1.40
CA MET A 254 2.02 15.38 -1.26
C MET A 254 3.20 16.22 -0.87
C MET A 254 3.23 16.21 -0.81
N GLU A 255 3.08 17.52 -0.68
CA GLU A 255 4.24 18.31 -0.28
C GLU A 255 4.62 18.11 1.19
N ASP A 256 3.74 17.50 1.97
CA ASP A 256 3.98 17.36 3.40
C ASP A 256 5.15 16.42 3.67
N GLN A 257 5.93 16.73 4.73
CA GLN A 257 7.06 15.88 5.04
C GLN A 257 6.64 14.50 5.55
N VAL A 258 5.51 14.43 6.25
CA VAL A 258 4.95 13.17 6.71
C VAL A 258 3.57 13.05 6.08
N PHE A 259 3.36 11.98 5.33
CA PHE A 259 2.15 11.80 4.54
C PHE A 259 1.45 10.54 5.03
N VAL A 260 0.19 10.67 5.44
CA VAL A 260 -0.60 9.53 5.90
C VAL A 260 -1.60 9.16 4.83
N PHE A 261 -1.54 7.89 4.42
CA PHE A 261 -2.54 7.38 3.47
C PHE A 261 -3.92 7.18 4.12
#